data_1GJI
#
_entry.id   1GJI
#
_cell.length_a   99.320
_cell.length_b   99.320
_cell.length_c   196.250
_cell.angle_alpha   90.00
_cell.angle_beta   90.00
_cell.angle_gamma   90.00
#
_symmetry.space_group_name_H-M   'P 43 21 2'
#
loop_
_entity.id
_entity.type
_entity.pdbx_description
1 polymer 'IL-2 CD28RE DNA'
2 polymer 'IL-2 CD28RE DNA'
3 polymer 'C-REL PROTO-ONCOGENE PROTEIN'
#
loop_
_entity_poly.entity_id
_entity_poly.type
_entity_poly.pdbx_seq_one_letter_code
_entity_poly.pdbx_strand_id
1 'polydeoxyribonucleotide' (DG)(DG)(DG)(DT)(DT)(DT)(DA)(DA)(DA)(DG)(DA)(DA)(DA)(DT)(DT)(DC)(DC)(DA)(DG)(DA) C
2 'polydeoxyribonucleotide' (DT)(DC)(DT)(DG)(DG)(DA)(DA)(DT)(DT)(DT)(DC)(DT)(DT)(DT)(DA)(DA)(DA)(DC)(DC)(DC) D
3 'polypeptide(L)'
;PYIEIFEQPRQRGMRFRYKCEGRSAGSIPGEHSTDNNKTFPSIQILNYFGKVKIRTTLVTKNEPYKPHPHDLVGKDCRDG
YYEAEFGPERRVLSFQNLGIQCVKKKDLKESISLRISKKINPFNVPEEQLHNIDEYDLNVVRLCFQAFLPDEHGNYTLAL
PPLISNPIYDNRAPNTAELRICRVNKNCGSVKGGDEIFILCDKVQKDDIEVRFVLDNWEAKGSFSQADVHRQVAIVFRTP
PFLRDITEPITVKMQLRRPSDQEVSEPMDFRYLPD
;
A,B
#
loop_
_chem_comp.id
_chem_comp.type
_chem_comp.name
_chem_comp.formula
DA DNA linking 2'-DEOXYADENOSINE-5'-MONOPHOSPHATE 'C10 H14 N5 O6 P'
DC DNA linking 2'-DEOXYCYTIDINE-5'-MONOPHOSPHATE 'C9 H14 N3 O7 P'
DG DNA linking 2'-DEOXYGUANOSINE-5'-MONOPHOSPHATE 'C10 H14 N5 O7 P'
DT DNA linking THYMIDINE-5'-MONOPHOSPHATE 'C10 H15 N2 O8 P'
#
# COMPACT_ATOMS: atom_id res chain seq x y z
N PRO C 1 9.77 44.90 -19.44
CA PRO C 1 10.35 44.23 -18.25
C PRO C 1 9.40 43.19 -17.62
N TYR C 2 9.64 41.92 -17.94
CA TYR C 2 8.85 40.80 -17.43
C TYR C 2 9.76 39.59 -17.22
N ILE C 3 9.21 38.52 -16.65
CA ILE C 3 9.98 37.30 -16.38
C ILE C 3 9.61 36.19 -17.37
N GLU C 4 10.57 35.31 -17.68
CA GLU C 4 10.23 34.22 -18.57
C GLU C 4 10.93 32.94 -18.16
N ILE C 5 10.16 31.86 -18.19
CA ILE C 5 10.66 30.54 -17.83
C ILE C 5 11.48 29.95 -18.96
N PHE C 6 12.78 29.89 -18.75
CA PHE C 6 13.69 29.33 -19.73
C PHE C 6 13.44 27.83 -19.89
N GLU C 7 13.51 27.11 -18.77
CA GLU C 7 13.26 25.67 -18.75
C GLU C 7 12.28 25.26 -17.67
N GLN C 8 11.15 24.72 -18.10
CA GLN C 8 10.11 24.26 -17.20
C GLN C 8 10.58 23.05 -16.41
N PRO C 9 10.07 22.88 -15.17
CA PRO C 9 10.42 21.76 -14.30
C PRO C 9 9.69 20.50 -14.74
N ARG C 10 10.34 19.37 -14.59
CA ARG C 10 9.75 18.11 -15.00
C ARG C 10 8.48 17.90 -14.20
N GLN C 11 7.44 17.39 -14.84
CA GLN C 11 6.17 17.20 -14.18
C GLN C 11 5.93 15.88 -13.46
N ARG C 12 6.59 14.81 -13.91
CA ARG C 12 6.42 13.50 -13.27
C ARG C 12 7.70 12.92 -12.71
N GLY C 13 7.56 11.94 -11.81
CA GLY C 13 8.74 11.28 -11.25
C GLY C 13 9.34 11.76 -9.95
N MET C 14 8.79 12.83 -9.37
CA MET C 14 9.34 13.33 -8.13
C MET C 14 8.37 13.17 -6.95
N ARG C 15 8.85 12.57 -5.87
CA ARG C 15 8.04 12.40 -4.68
C ARG C 15 8.08 13.68 -3.82
N PHE C 16 6.98 13.99 -3.16
CA PHE C 16 6.93 15.12 -2.26
C PHE C 16 7.37 14.41 -0.99
N ARG C 17 8.45 14.88 -0.34
CA ARG C 17 8.85 14.18 0.89
C ARG C 17 8.14 14.80 2.10
N TYR C 18 7.88 13.98 3.11
CA TYR C 18 7.24 14.47 4.30
C TYR C 18 8.36 14.97 5.21
N LYS C 19 8.02 15.78 6.20
CA LYS C 19 9.04 16.27 7.12
C LYS C 19 9.73 15.09 7.79
N CYS C 20 8.99 14.02 8.01
CA CYS C 20 9.56 12.86 8.65
C CYS C 20 10.64 12.24 7.78
N GLU C 21 10.77 12.70 6.54
CA GLU C 21 11.74 12.08 5.64
C GLU C 21 13.07 12.75 5.33
N GLY C 22 13.74 13.28 6.35
CA GLY C 22 15.03 13.92 6.11
C GLY C 22 14.81 15.40 5.85
N ARG C 23 15.88 16.12 5.47
CA ARG C 23 15.79 17.56 5.18
C ARG C 23 15.83 17.79 3.65
N SER C 24 16.43 16.83 2.93
CA SER C 24 16.51 16.96 1.47
C SER C 24 15.18 16.51 0.81
N ALA C 25 14.20 17.42 0.74
CA ALA C 25 12.90 17.13 0.11
C ALA C 25 13.10 16.95 -1.41
N GLY C 26 14.38 16.69 -1.77
CA GLY C 26 14.77 16.46 -3.15
C GLY C 26 15.18 17.72 -3.87
N SER C 27 15.46 17.57 -5.17
CA SER C 27 15.83 18.68 -6.02
C SER C 27 15.02 18.46 -7.29
N ILE C 28 14.10 19.38 -7.54
CA ILE C 28 13.25 19.33 -8.70
C ILE C 28 14.17 19.56 -9.86
N PRO C 29 14.04 18.76 -10.92
CA PRO C 29 14.83 18.82 -12.14
C PRO C 29 14.07 19.59 -13.22
N GLY C 30 14.76 19.90 -14.30
CA GLY C 30 14.14 20.61 -15.41
C GLY C 30 13.52 19.61 -16.35
N GLU C 31 12.89 20.11 -17.40
CA GLU C 31 12.24 19.27 -18.39
C GLU C 31 13.28 18.50 -19.19
N HIS C 32 14.12 19.28 -19.88
CA HIS C 32 15.21 18.80 -20.73
C HIS C 32 16.15 17.88 -19.95
N SER C 33 16.46 18.27 -18.71
CA SER C 33 17.37 17.52 -17.82
C SER C 33 17.46 16.03 -18.14
N THR C 34 18.69 15.54 -18.26
CA THR C 34 18.98 14.14 -18.56
C THR C 34 19.94 13.59 -17.52
N ASP C 35 19.96 12.28 -17.40
CA ASP C 35 20.83 11.60 -16.45
C ASP C 35 22.25 12.15 -16.50
N ASN C 36 22.85 12.12 -17.69
CA ASN C 36 24.22 12.61 -17.90
C ASN C 36 24.32 14.12 -17.75
N ASN C 37 23.70 14.84 -18.68
CA ASN C 37 23.72 16.30 -18.67
C ASN C 37 22.42 16.81 -18.07
N LYS C 38 22.25 16.60 -16.76
CA LYS C 38 21.03 17.02 -16.05
C LYS C 38 20.89 18.53 -15.91
N THR C 39 19.65 19.00 -15.99
CA THR C 39 19.37 20.41 -15.90
C THR C 39 18.40 20.76 -14.77
N PHE C 40 18.14 22.05 -14.60
CA PHE C 40 17.25 22.53 -13.53
C PHE C 40 16.29 23.64 -13.97
N PRO C 41 15.17 23.79 -13.25
CA PRO C 41 14.18 24.82 -13.55
C PRO C 41 14.95 26.11 -13.63
N SER C 42 14.73 26.88 -14.67
CA SER C 42 15.46 28.13 -14.82
C SER C 42 14.63 29.15 -15.57
N ILE C 43 14.81 30.41 -15.23
CA ILE C 43 14.08 31.49 -15.86
C ILE C 43 15.02 32.65 -16.11
N GLN C 44 14.61 33.56 -16.97
CA GLN C 44 15.42 34.71 -17.31
C GLN C 44 14.58 35.98 -17.31
N ILE C 45 15.20 37.07 -16.89
CA ILE C 45 14.55 38.38 -16.83
C ILE C 45 14.78 39.11 -18.17
N LEU C 46 13.76 39.18 -19.02
CA LEU C 46 13.91 39.87 -20.29
C LEU C 46 13.68 41.36 -20.05
N ASN C 47 14.33 42.20 -20.84
CA ASN C 47 14.18 43.65 -20.70
C ASN C 47 14.84 44.21 -19.44
N TYR C 48 15.98 43.66 -19.05
CA TYR C 48 16.66 44.14 -17.86
C TYR C 48 18.07 43.61 -17.68
N PHE C 49 18.93 44.43 -17.10
CA PHE C 49 20.32 44.07 -16.85
C PHE C 49 20.78 44.77 -15.57
N GLY C 50 20.66 44.10 -14.43
CA GLY C 50 21.08 44.71 -13.18
C GLY C 50 20.81 43.88 -11.94
N LYS C 51 21.23 44.40 -10.78
CA LYS C 51 21.03 43.72 -9.51
C LYS C 51 19.55 43.56 -9.15
N VAL C 52 19.20 42.48 -8.45
CA VAL C 52 17.82 42.23 -8.05
C VAL C 52 17.53 41.02 -7.14
N LYS C 53 16.25 40.81 -6.84
CA LYS C 53 15.81 39.72 -5.97
C LYS C 53 14.66 38.94 -6.60
N ILE C 54 14.59 37.63 -6.33
CA ILE C 54 13.54 36.75 -6.87
C ILE C 54 12.98 35.86 -5.77
N ARG C 55 11.70 35.53 -5.86
CA ARG C 55 11.10 34.66 -4.84
C ARG C 55 10.25 33.55 -5.44
N THR C 56 10.68 32.32 -5.22
CA THR C 56 9.97 31.17 -5.74
C THR C 56 9.06 30.64 -4.65
N THR C 57 7.76 30.59 -4.93
CA THR C 57 6.76 30.09 -3.98
C THR C 57 5.87 29.04 -4.67
N LEU C 58 5.25 28.19 -3.87
CA LEU C 58 4.36 27.15 -4.41
C LEU C 58 2.90 27.64 -4.48
N VAL C 59 2.23 27.37 -5.60
CA VAL C 59 0.84 27.76 -5.78
C VAL C 59 0.03 26.60 -6.33
N THR C 60 -1.29 26.76 -6.33
CA THR C 60 -2.22 25.74 -6.78
C THR C 60 -2.22 25.55 -8.29
N LYS C 61 -2.90 24.52 -8.76
CA LYS C 61 -2.99 24.25 -10.19
C LYS C 61 -4.26 24.92 -10.68
N ASN C 62 -4.96 25.55 -9.73
CA ASN C 62 -6.21 26.24 -9.98
C ASN C 62 -6.10 27.61 -10.65
N GLU C 63 -6.94 27.82 -11.66
CA GLU C 63 -6.98 29.06 -12.44
C GLU C 63 -6.60 30.32 -11.66
N PRO C 64 -7.16 30.50 -10.46
CA PRO C 64 -6.86 31.67 -9.62
C PRO C 64 -5.87 31.24 -8.53
N TYR C 65 -4.63 31.04 -8.95
CA TYR C 65 -3.51 30.59 -8.12
C TYR C 65 -3.39 31.18 -6.70
N LYS C 66 -3.59 30.32 -5.71
CA LYS C 66 -3.48 30.73 -4.32
C LYS C 66 -2.35 29.93 -3.67
N PRO C 67 -1.64 30.54 -2.71
CA PRO C 67 -0.55 29.82 -2.04
C PRO C 67 -0.93 28.42 -1.65
N HIS C 68 0.04 27.52 -1.75
CA HIS C 68 -0.14 26.12 -1.43
C HIS C 68 0.45 25.83 -0.06
N PRO C 69 -0.11 24.85 0.66
CA PRO C 69 0.33 24.45 1.99
C PRO C 69 1.74 23.88 2.04
N HIS C 70 2.08 23.08 1.05
CA HIS C 70 3.38 22.46 0.97
C HIS C 70 4.50 23.47 1.02
N ASP C 71 5.64 23.05 1.51
CA ASP C 71 6.80 23.90 1.61
C ASP C 71 7.81 23.59 0.55
N LEU C 72 8.59 24.60 0.22
CA LEU C 72 9.67 24.48 -0.72
C LEU C 72 10.84 24.46 0.24
N VAL C 73 11.64 23.41 0.21
CA VAL C 73 12.75 23.33 1.11
C VAL C 73 14.05 23.22 0.30
N GLY C 74 15.16 23.57 0.93
CA GLY C 74 16.44 23.52 0.27
C GLY C 74 17.19 24.84 0.34
N LYS C 75 18.42 24.86 -0.19
CA LYS C 75 19.26 26.05 -0.20
C LYS C 75 18.46 27.31 -0.48
N ASP C 76 18.59 28.28 0.44
CA ASP C 76 17.90 29.57 0.37
C ASP C 76 16.39 29.58 0.52
N CYS C 77 15.87 28.59 1.24
CA CYS C 77 14.44 28.49 1.51
C CYS C 77 14.23 28.58 3.02
N ARG C 78 13.21 29.33 3.41
CA ARG C 78 12.85 29.49 4.80
C ARG C 78 11.36 29.82 4.71
N ASP C 79 10.58 29.24 5.61
CA ASP C 79 9.14 29.41 5.70
C ASP C 79 8.37 28.92 4.50
N GLY C 80 8.91 27.88 3.87
CA GLY C 80 8.25 27.27 2.74
C GLY C 80 8.43 27.90 1.39
N TYR C 81 9.32 28.88 1.31
CA TYR C 81 9.56 29.52 0.01
C TYR C 81 11.01 29.92 -0.13
N TYR C 82 11.44 29.97 -1.38
CA TYR C 82 12.81 30.32 -1.76
C TYR C 82 12.89 31.78 -2.11
N GLU C 83 13.93 32.45 -1.64
CA GLU C 83 14.13 33.85 -1.98
C GLU C 83 15.64 34.10 -2.09
N ALA C 84 16.05 34.86 -3.10
CA ALA C 84 17.46 35.18 -3.27
C ALA C 84 17.68 36.41 -4.11
N GLU C 85 18.80 37.08 -3.91
CA GLU C 85 19.14 38.26 -4.69
C GLU C 85 19.97 37.74 -5.83
N PHE C 86 19.88 38.35 -7.01
CA PHE C 86 20.66 37.90 -8.14
C PHE C 86 21.33 39.06 -8.86
N GLY C 87 22.54 38.82 -9.38
CA GLY C 87 23.26 39.88 -10.08
C GLY C 87 22.98 39.98 -11.56
N PRO C 88 23.46 41.04 -12.22
CA PRO C 88 23.26 41.26 -13.65
C PRO C 88 23.97 40.20 -14.48
N GLU C 89 24.44 39.18 -13.79
CA GLU C 89 25.19 38.09 -14.40
C GLU C 89 24.49 37.32 -15.55
N ARG C 90 24.98 36.11 -15.82
CA ARG C 90 24.43 35.25 -16.86
C ARG C 90 22.95 35.46 -16.91
N ARG C 91 22.38 35.51 -18.11
CA ARG C 91 20.96 35.72 -18.21
C ARG C 91 20.19 34.64 -17.46
N VAL C 92 20.33 33.40 -17.90
CA VAL C 92 19.62 32.28 -17.30
C VAL C 92 19.84 32.04 -15.81
N LEU C 93 18.75 32.03 -15.05
CA LEU C 93 18.79 31.79 -13.62
C LEU C 93 18.30 30.37 -13.36
N SER C 94 19.21 29.50 -12.97
CA SER C 94 18.83 28.12 -12.68
C SER C 94 18.69 28.01 -11.17
N PHE C 95 17.81 27.11 -10.74
CA PHE C 95 17.56 26.86 -9.32
C PHE C 95 17.69 25.38 -9.14
N GLN C 96 18.82 24.93 -8.62
CA GLN C 96 19.03 23.50 -8.44
C GLN C 96 18.24 22.98 -7.26
N ASN C 97 18.82 23.19 -6.08
CA ASN C 97 18.23 22.70 -4.85
C ASN C 97 16.84 23.29 -4.51
N LEU C 98 15.82 22.67 -5.08
CA LEU C 98 14.43 23.05 -4.86
C LEU C 98 13.60 21.80 -4.59
N GLY C 99 13.34 21.51 -3.32
CA GLY C 99 12.55 20.34 -3.00
C GLY C 99 11.13 20.70 -2.61
N ILE C 100 10.27 19.69 -2.51
CA ILE C 100 8.90 19.95 -2.08
C ILE C 100 8.61 19.11 -0.85
N GLN C 101 8.38 19.76 0.27
CA GLN C 101 8.06 19.03 1.49
C GLN C 101 6.55 19.16 1.61
N CYS C 102 5.87 18.04 1.72
CA CYS C 102 4.43 18.05 1.82
C CYS C 102 3.95 17.90 3.28
N VAL C 103 2.89 18.63 3.59
CA VAL C 103 2.31 18.62 4.92
C VAL C 103 1.28 17.49 5.04
N LYS C 104 1.16 16.95 6.24
CA LYS C 104 0.20 15.88 6.49
C LYS C 104 -1.16 16.58 6.28
N LYS C 105 -2.21 15.84 5.90
CA LYS C 105 -3.51 16.46 5.69
C LYS C 105 -4.00 17.27 6.89
N LYS C 106 -3.60 16.85 8.10
CA LYS C 106 -3.97 17.54 9.33
C LYS C 106 -3.42 18.98 9.33
N ASP C 107 -2.15 19.10 8.95
CA ASP C 107 -1.47 20.38 8.92
C ASP C 107 -2.09 21.33 7.87
N LEU C 108 -2.81 20.78 6.90
CA LEU C 108 -3.39 21.57 5.83
C LEU C 108 -4.00 22.92 6.21
N LYS C 109 -4.90 22.95 7.19
CA LYS C 109 -5.54 24.20 7.59
C LYS C 109 -4.52 25.12 8.25
N GLU C 110 -4.07 24.73 9.44
CA GLU C 110 -3.09 25.51 10.16
C GLU C 110 -2.07 26.10 9.20
N SER C 111 -1.67 25.31 8.22
CA SER C 111 -0.67 25.72 7.24
C SER C 111 -1.02 26.94 6.41
N ILE C 112 -2.23 26.98 5.88
CA ILE C 112 -2.63 28.10 5.05
C ILE C 112 -2.84 29.40 5.83
N SER C 113 -3.26 29.29 7.09
CA SER C 113 -3.48 30.48 7.90
C SER C 113 -2.17 31.25 8.01
N LEU C 114 -1.07 30.51 8.13
CA LEU C 114 0.24 31.14 8.22
C LEU C 114 0.70 31.76 6.92
N ARG C 115 0.24 31.25 5.79
CA ARG C 115 0.64 31.85 4.52
C ARG C 115 -0.03 33.22 4.42
N ILE C 116 -1.19 33.35 5.06
CA ILE C 116 -1.94 34.61 5.09
C ILE C 116 -1.21 35.54 6.04
N SER C 117 -1.01 35.04 7.25
CA SER C 117 -0.32 35.79 8.29
C SER C 117 1.16 35.77 7.96
N LYS C 118 1.49 36.08 6.71
CA LYS C 118 2.89 36.10 6.27
C LYS C 118 3.02 36.97 5.03
N LYS C 119 1.89 37.23 4.37
CA LYS C 119 1.83 38.06 3.16
C LYS C 119 2.04 37.24 1.88
N ILE C 120 2.30 35.95 2.03
CA ILE C 120 2.52 35.12 0.85
C ILE C 120 1.23 35.01 0.06
N ASN C 121 1.11 35.82 -0.97
CA ASN C 121 -0.07 35.81 -1.83
C ASN C 121 0.27 36.54 -3.12
N PRO C 122 1.18 35.98 -3.91
CA PRO C 122 1.60 36.57 -5.18
C PRO C 122 0.50 36.98 -6.14
N PHE C 123 -0.72 36.52 -5.91
CA PHE C 123 -1.82 36.89 -6.82
C PHE C 123 -2.96 37.64 -6.14
N ASN C 124 -2.72 38.12 -4.94
CA ASN C 124 -3.74 38.86 -4.21
C ASN C 124 -5.10 38.19 -4.41
N VAL C 125 -5.21 36.92 -4.04
CA VAL C 125 -6.45 36.18 -4.17
C VAL C 125 -7.31 36.43 -2.93
N PRO C 126 -8.62 36.69 -3.13
CA PRO C 126 -9.55 36.94 -2.04
C PRO C 126 -9.25 36.08 -0.82
N GLU C 127 -8.80 36.70 0.26
CA GLU C 127 -8.47 35.98 1.48
C GLU C 127 -9.40 34.82 1.83
N GLU C 128 -10.71 35.02 1.79
CA GLU C 128 -11.68 33.96 2.13
C GLU C 128 -11.74 32.80 1.14
N GLN C 129 -11.38 33.10 -0.09
CA GLN C 129 -11.37 32.13 -1.17
C GLN C 129 -10.14 31.26 -0.97
N LEU C 130 -9.27 31.75 -0.11
CA LEU C 130 -8.01 31.12 0.23
C LEU C 130 -8.16 30.08 1.34
N HIS C 131 -9.27 30.13 2.06
CA HIS C 131 -9.52 29.17 3.13
C HIS C 131 -10.32 28.02 2.55
N ASN C 132 -10.38 27.98 1.23
CA ASN C 132 -11.09 26.92 0.52
C ASN C 132 -10.32 25.59 0.62
N ILE C 133 -9.98 25.19 1.85
CA ILE C 133 -9.25 23.93 2.09
C ILE C 133 -9.87 22.72 1.39
N ASP C 134 -11.18 22.57 1.53
CA ASP C 134 -11.92 21.46 0.91
C ASP C 134 -12.10 21.68 -0.59
N GLU C 135 -11.11 21.26 -1.37
CA GLU C 135 -11.14 21.40 -2.82
C GLU C 135 -9.73 21.42 -3.41
N TYR C 136 -8.73 21.68 -2.56
CA TYR C 136 -7.34 21.76 -3.01
C TYR C 136 -6.70 20.42 -3.35
N ASP C 137 -5.56 20.47 -4.02
CA ASP C 137 -4.84 19.26 -4.37
C ASP C 137 -3.42 19.23 -3.81
N LEU C 138 -3.23 18.37 -2.82
CA LEU C 138 -1.96 18.24 -2.18
C LEU C 138 -1.03 17.30 -2.94
N ASN C 139 -1.43 16.92 -4.16
CA ASN C 139 -0.61 16.02 -4.96
C ASN C 139 -0.01 16.75 -6.15
N VAL C 140 -0.38 18.01 -6.30
CA VAL C 140 0.16 18.81 -7.40
C VAL C 140 0.28 20.30 -7.03
N VAL C 141 1.42 20.88 -7.37
CA VAL C 141 1.71 22.30 -7.11
C VAL C 141 2.24 22.95 -8.37
N ARG C 142 2.49 24.25 -8.27
CA ARG C 142 3.05 25.02 -9.37
C ARG C 142 4.05 25.97 -8.74
N LEU C 143 5.12 26.30 -9.47
CA LEU C 143 6.13 27.22 -8.96
C LEU C 143 5.74 28.62 -9.40
N CYS C 144 5.78 29.55 -8.45
CA CYS C 144 5.43 30.90 -8.76
C CYS C 144 6.65 31.77 -8.62
N PHE C 145 7.24 32.17 -9.75
CA PHE C 145 8.42 33.03 -9.72
C PHE C 145 7.99 34.47 -9.57
N GLN C 146 8.62 35.19 -8.65
CA GLN C 146 8.24 36.57 -8.42
C GLN C 146 9.52 37.39 -8.29
N ALA C 147 9.91 38.04 -9.37
CA ALA C 147 11.12 38.85 -9.37
C ALA C 147 10.81 40.30 -9.01
N PHE C 148 11.54 40.86 -8.06
CA PHE C 148 11.35 42.25 -7.66
C PHE C 148 12.57 43.05 -8.04
N LEU C 149 12.38 44.17 -8.75
CA LEU C 149 13.51 45.00 -9.16
C LEU C 149 13.77 46.14 -8.18
N PRO C 150 14.93 46.81 -8.29
CA PRO C 150 15.36 47.92 -7.44
C PRO C 150 14.48 49.15 -7.55
N ASP C 151 14.18 49.74 -6.40
CA ASP C 151 13.33 50.92 -6.36
C ASP C 151 14.14 52.19 -6.44
N GLU C 152 13.42 53.31 -6.32
CA GLU C 152 14.00 54.64 -6.34
C GLU C 152 15.15 54.67 -5.35
N HIS C 153 16.29 54.15 -5.78
CA HIS C 153 17.48 54.08 -4.97
C HIS C 153 17.16 53.38 -3.63
N GLY C 154 17.72 52.19 -3.46
CA GLY C 154 17.49 51.45 -2.25
C GLY C 154 17.19 50.01 -2.57
N ASN C 155 16.37 49.41 -1.72
CA ASN C 155 15.99 48.01 -1.86
C ASN C 155 15.14 47.66 -3.09
N TYR C 156 14.58 46.45 -3.09
CA TYR C 156 13.77 45.95 -4.19
C TYR C 156 12.27 45.95 -3.90
N THR C 157 11.54 46.80 -4.61
CA THR C 157 10.10 46.91 -4.43
C THR C 157 9.37 46.81 -5.75
N LEU C 158 9.97 47.33 -6.82
CA LEU C 158 9.33 47.26 -8.12
C LEU C 158 9.17 45.79 -8.48
N ALA C 159 8.00 45.22 -8.14
CA ALA C 159 7.72 43.82 -8.41
C ALA C 159 7.18 43.60 -9.80
N LEU C 160 7.72 42.61 -10.49
CA LEU C 160 7.29 42.28 -11.83
C LEU C 160 6.17 41.26 -11.71
N PRO C 161 5.40 41.06 -12.79
CA PRO C 161 4.29 40.10 -12.84
C PRO C 161 4.66 38.70 -12.38
N PRO C 162 3.85 38.09 -11.51
CA PRO C 162 4.13 36.74 -11.01
C PRO C 162 3.95 35.75 -12.13
N LEU C 163 5.00 35.01 -12.44
CA LEU C 163 4.93 34.02 -13.50
C LEU C 163 4.75 32.68 -12.81
N ILE C 164 4.07 31.76 -13.47
CA ILE C 164 3.83 30.46 -12.88
C ILE C 164 4.28 29.31 -13.77
N SER C 165 4.98 28.34 -13.19
CA SER C 165 5.48 27.20 -13.97
C SER C 165 4.45 26.11 -14.20
N ASN C 166 4.81 25.12 -15.00
CA ASN C 166 3.92 24.01 -15.30
C ASN C 166 3.75 23.25 -14.01
N PRO C 167 2.64 22.52 -13.88
CA PRO C 167 2.38 21.77 -12.66
C PRO C 167 3.35 20.63 -12.41
N ILE C 168 3.60 20.36 -11.14
CA ILE C 168 4.48 19.30 -10.71
C ILE C 168 3.62 18.36 -9.86
N TYR C 169 3.56 17.09 -10.26
CA TYR C 169 2.75 16.11 -9.56
C TYR C 169 3.56 15.14 -8.71
N ASP C 170 3.07 14.88 -7.50
CA ASP C 170 3.75 13.97 -6.58
C ASP C 170 3.64 12.54 -7.09
N ASN C 171 4.80 11.95 -7.37
CA ASN C 171 4.86 10.60 -7.90
C ASN C 171 4.48 9.49 -6.94
N ARG C 172 4.34 9.80 -5.65
CA ARG C 172 3.95 8.80 -4.67
C ARG C 172 2.43 8.59 -4.66
N ALA C 173 1.67 9.62 -5.05
CA ALA C 173 0.22 9.55 -5.08
C ALA C 173 -0.27 8.85 -6.34
N PRO C 174 -1.09 7.79 -6.19
CA PRO C 174 -1.63 7.00 -7.30
C PRO C 174 -2.23 7.77 -8.50
N ASN C 175 -2.85 8.91 -8.23
CA ASN C 175 -3.48 9.73 -9.27
C ASN C 175 -2.57 10.77 -9.91
N THR C 176 -1.28 10.73 -9.62
CA THR C 176 -0.35 11.68 -10.22
C THR C 176 0.97 10.99 -10.55
N ALA C 177 1.11 9.75 -10.09
CA ALA C 177 2.31 8.97 -10.34
C ALA C 177 2.53 8.95 -11.83
N GLU C 178 3.77 8.69 -12.23
CA GLU C 178 4.12 8.60 -13.64
C GLU C 178 3.66 7.21 -14.12
N LEU C 179 3.21 7.11 -15.35
CA LEU C 179 2.76 5.81 -15.83
C LEU C 179 3.97 4.99 -16.25
N ARG C 180 4.03 3.73 -15.87
CA ARG C 180 5.17 2.90 -16.22
C ARG C 180 4.82 1.42 -16.33
N ILE C 181 5.01 0.85 -17.50
CA ILE C 181 4.77 -0.57 -17.75
C ILE C 181 6.03 -1.28 -17.29
N CYS C 182 5.95 -2.06 -16.22
CA CYS C 182 7.15 -2.76 -15.75
C CYS C 182 7.46 -4.00 -16.56
N ARG C 183 6.48 -4.86 -16.75
CA ARG C 183 6.70 -6.08 -17.53
C ARG C 183 5.42 -6.64 -18.16
N VAL C 184 5.59 -7.36 -19.25
CA VAL C 184 4.48 -7.97 -19.99
C VAL C 184 4.86 -9.42 -20.26
N ASN C 185 3.87 -10.28 -20.48
CA ASN C 185 4.15 -11.69 -20.74
C ASN C 185 4.27 -12.07 -22.22
N LYS C 186 3.80 -11.19 -23.10
CA LYS C 186 3.83 -11.41 -24.55
C LYS C 186 3.94 -10.05 -25.25
N ASN C 187 4.89 -9.92 -26.18
CA ASN C 187 5.05 -8.66 -26.90
C ASN C 187 4.38 -8.68 -28.28
N CYS C 188 3.65 -9.76 -28.58
CA CYS C 188 3.01 -9.91 -29.88
C CYS C 188 1.79 -10.82 -29.85
N GLY C 189 0.91 -10.64 -30.82
CA GLY C 189 -0.27 -11.47 -30.90
C GLY C 189 -0.85 -11.47 -32.30
N SER C 190 -1.98 -12.16 -32.47
CA SER C 190 -2.64 -12.22 -33.76
C SER C 190 -3.34 -10.91 -34.09
N VAL C 191 -3.47 -10.62 -35.37
CA VAL C 191 -4.12 -9.40 -35.80
C VAL C 191 -5.62 -9.54 -35.55
N LYS C 192 -6.07 -10.78 -35.39
CA LYS C 192 -7.48 -11.02 -35.10
C LYS C 192 -7.74 -10.35 -33.74
N GLY C 193 -6.69 -10.31 -32.92
CA GLY C 193 -6.78 -9.69 -31.61
C GLY C 193 -7.74 -10.39 -30.68
N GLY C 194 -7.22 -10.83 -29.54
CA GLY C 194 -8.03 -11.52 -28.55
C GLY C 194 -7.11 -12.21 -27.55
N ASP C 195 -5.81 -11.97 -27.73
CA ASP C 195 -4.77 -12.54 -26.88
C ASP C 195 -4.77 -11.92 -25.49
N GLU C 196 -4.75 -12.79 -24.47
CA GLU C 196 -4.76 -12.34 -23.09
C GLU C 196 -3.39 -12.02 -22.57
N ILE C 197 -3.21 -10.77 -22.18
CA ILE C 197 -1.95 -10.26 -21.69
C ILE C 197 -1.95 -9.88 -20.22
N PHE C 198 -0.81 -10.11 -19.57
CA PHE C 198 -0.62 -9.74 -18.18
C PHE C 198 0.38 -8.60 -18.12
N ILE C 199 -0.05 -7.42 -17.69
CA ILE C 199 0.88 -6.30 -17.58
C ILE C 199 1.19 -6.01 -16.13
N LEU C 200 2.47 -5.96 -15.79
CA LEU C 200 2.85 -5.64 -14.44
C LEU C 200 3.20 -4.18 -14.59
N CYS C 201 2.78 -3.35 -13.65
CA CYS C 201 3.07 -1.93 -13.77
C CYS C 201 3.11 -1.20 -12.45
N ASP C 202 3.41 0.08 -12.53
CA ASP C 202 3.45 0.93 -11.36
C ASP C 202 2.01 1.18 -10.99
N LYS C 203 1.79 1.39 -9.70
CA LYS C 203 0.47 1.66 -9.15
C LYS C 203 -0.35 2.57 -10.05
N VAL C 204 -1.53 2.10 -10.43
CA VAL C 204 -2.46 2.88 -11.25
C VAL C 204 -3.79 2.83 -10.52
N GLN C 205 -4.82 3.41 -11.13
CA GLN C 205 -6.15 3.41 -10.55
C GLN C 205 -7.12 2.77 -11.53
N LYS C 206 -7.58 1.56 -11.21
CA LYS C 206 -8.49 0.81 -12.08
C LYS C 206 -9.61 1.69 -12.60
N ASP C 207 -9.95 2.67 -11.78
CA ASP C 207 -10.99 3.66 -12.04
C ASP C 207 -10.62 4.53 -13.26
N ASP C 208 -9.37 4.98 -13.30
CA ASP C 208 -8.86 5.86 -14.34
C ASP C 208 -7.60 5.33 -15.03
N ILE C 209 -7.75 4.29 -15.85
CA ILE C 209 -6.61 3.73 -16.58
C ILE C 209 -7.04 2.91 -17.80
N GLU C 210 -6.18 2.85 -18.81
CA GLU C 210 -6.50 2.11 -20.02
C GLU C 210 -5.22 1.83 -20.80
N VAL C 211 -5.13 0.62 -21.34
CA VAL C 211 -3.99 0.26 -22.16
C VAL C 211 -4.38 0.78 -23.55
N ARG C 212 -3.43 1.31 -24.31
CA ARG C 212 -3.78 1.81 -25.62
C ARG C 212 -2.81 1.53 -26.75
N PHE C 213 -3.24 0.66 -27.67
CA PHE C 213 -2.45 0.31 -28.83
C PHE C 213 -2.62 1.42 -29.86
N VAL C 214 -1.55 1.76 -30.57
CA VAL C 214 -1.62 2.84 -31.54
C VAL C 214 -0.55 2.78 -32.62
N LEU C 215 -0.90 3.30 -33.80
CA LEU C 215 -0.01 3.37 -34.95
C LEU C 215 -0.61 4.28 -36.00
N ASP C 216 0.06 5.41 -36.25
CA ASP C 216 -0.42 6.39 -37.23
C ASP C 216 -1.79 6.90 -36.83
N ASN C 217 -2.75 6.77 -37.73
CA ASN C 217 -4.12 7.21 -37.47
C ASN C 217 -4.93 6.19 -36.69
N TRP C 218 -4.38 4.98 -36.56
CA TRP C 218 -5.06 3.89 -35.86
C TRP C 218 -4.77 3.87 -34.36
N GLU C 219 -5.77 3.52 -33.57
CA GLU C 219 -5.62 3.41 -32.12
C GLU C 219 -6.81 2.63 -31.58
N ALA C 220 -6.52 1.69 -30.67
CA ALA C 220 -7.56 0.86 -30.07
C ALA C 220 -7.21 0.63 -28.60
N LYS C 221 -8.21 0.32 -27.78
CA LYS C 221 -7.97 0.09 -26.37
C LYS C 221 -7.82 -1.38 -26.06
N GLY C 222 -7.03 -1.67 -25.04
CA GLY C 222 -6.86 -3.04 -24.62
C GLY C 222 -8.23 -3.32 -24.05
N SER C 223 -8.62 -4.58 -24.01
CA SER C 223 -9.95 -4.90 -23.51
C SER C 223 -9.92 -5.52 -22.12
N PHE C 224 -10.48 -4.82 -21.14
CA PHE C 224 -10.52 -5.36 -19.78
C PHE C 224 -11.41 -4.53 -18.86
N SER C 225 -11.86 -5.18 -17.78
CA SER C 225 -12.74 -4.58 -16.79
C SER C 225 -11.91 -4.19 -15.57
N GLN C 226 -12.54 -3.46 -14.64
CA GLN C 226 -11.87 -2.99 -13.42
C GLN C 226 -11.43 -4.11 -12.49
N ALA C 227 -12.07 -5.26 -12.60
CA ALA C 227 -11.73 -6.39 -11.76
C ALA C 227 -10.41 -6.98 -12.22
N ASP C 228 -10.02 -6.69 -13.45
CA ASP C 228 -8.81 -7.24 -14.01
C ASP C 228 -7.55 -6.51 -13.63
N VAL C 229 -7.72 -5.46 -12.83
CA VAL C 229 -6.58 -4.68 -12.35
C VAL C 229 -6.24 -5.32 -11.02
N HIS C 230 -5.06 -5.92 -10.92
CA HIS C 230 -4.65 -6.58 -9.68
C HIS C 230 -3.90 -5.65 -8.74
N ARG C 231 -4.46 -5.45 -7.54
CA ARG C 231 -3.89 -4.60 -6.50
C ARG C 231 -3.18 -3.39 -7.08
N GLN C 232 -3.87 -2.71 -7.99
CA GLN C 232 -3.33 -1.52 -8.62
C GLN C 232 -2.01 -1.65 -9.38
N VAL C 233 -1.36 -2.81 -9.34
CA VAL C 233 -0.08 -2.95 -10.03
C VAL C 233 -0.01 -4.00 -11.13
N ALA C 234 -1.15 -4.42 -11.64
CA ALA C 234 -1.14 -5.43 -12.67
C ALA C 234 -2.47 -5.45 -13.39
N ILE C 235 -2.40 -5.55 -14.71
CA ILE C 235 -3.57 -5.55 -15.55
C ILE C 235 -3.65 -6.80 -16.44
N VAL C 236 -4.77 -7.51 -16.41
CA VAL C 236 -4.92 -8.67 -17.29
C VAL C 236 -5.98 -8.23 -18.29
N PHE C 237 -5.61 -8.14 -19.56
CA PHE C 237 -6.52 -7.70 -20.61
C PHE C 237 -6.29 -8.45 -21.91
N ARG C 238 -7.11 -8.15 -22.92
CA ARG C 238 -6.97 -8.80 -24.21
C ARG C 238 -6.76 -7.80 -25.36
N THR C 239 -5.82 -8.14 -26.24
CA THR C 239 -5.50 -7.28 -27.35
C THR C 239 -6.66 -7.06 -28.29
N PRO C 240 -6.80 -5.84 -28.80
CA PRO C 240 -7.86 -5.46 -29.72
C PRO C 240 -7.41 -5.84 -31.13
N PRO C 241 -8.34 -6.08 -32.04
CA PRO C 241 -7.94 -6.45 -33.41
C PRO C 241 -7.34 -5.24 -34.12
N PHE C 242 -6.50 -5.49 -35.11
CA PHE C 242 -5.88 -4.42 -35.87
C PHE C 242 -6.79 -4.11 -37.05
N LEU C 243 -6.81 -2.86 -37.50
CA LEU C 243 -7.65 -2.50 -38.64
C LEU C 243 -7.16 -3.21 -39.88
N ARG C 244 -8.02 -4.03 -40.47
CA ARG C 244 -7.68 -4.81 -41.66
C ARG C 244 -6.95 -6.04 -41.16
N ASP C 245 -6.06 -6.53 -42.02
CA ASP C 245 -5.24 -7.68 -41.72
C ASP C 245 -3.98 -7.41 -42.53
N ILE C 246 -2.97 -8.24 -42.37
CA ILE C 246 -1.72 -8.04 -43.08
C ILE C 246 -1.09 -9.36 -43.49
N THR C 247 0.02 -9.26 -44.22
CA THR C 247 0.71 -10.45 -44.68
C THR C 247 2.06 -10.59 -44.00
N GLU C 248 2.55 -9.51 -43.40
CA GLU C 248 3.83 -9.52 -42.70
C GLU C 248 3.71 -8.87 -41.31
N PRO C 249 4.51 -9.36 -40.33
CA PRO C 249 4.49 -8.83 -38.96
C PRO C 249 4.51 -7.31 -38.95
N ILE C 250 3.52 -6.73 -38.29
CA ILE C 250 3.39 -5.28 -38.21
C ILE C 250 3.38 -4.82 -36.74
N THR C 251 4.47 -4.20 -36.31
CA THR C 251 4.58 -3.75 -34.93
C THR C 251 3.95 -2.38 -34.69
N VAL C 252 3.17 -2.28 -33.61
CA VAL C 252 2.51 -1.02 -33.23
C VAL C 252 3.00 -0.64 -31.85
N LYS C 253 2.60 0.52 -31.38
CA LYS C 253 3.01 1.01 -30.07
C LYS C 253 1.95 0.79 -29.00
N MET C 254 2.35 0.16 -27.90
CA MET C 254 1.45 -0.15 -26.79
C MET C 254 1.83 0.72 -25.59
N GLN C 255 0.83 1.23 -24.88
CA GLN C 255 1.13 2.11 -23.75
C GLN C 255 -0.02 2.33 -22.76
N LEU C 256 0.33 2.55 -21.51
CA LEU C 256 -0.67 2.80 -20.48
C LEU C 256 -1.08 4.23 -20.70
N ARG C 257 -2.34 4.54 -20.44
CA ARG C 257 -2.83 5.90 -20.59
C ARG C 257 -3.86 6.20 -19.51
N ARG C 258 -3.85 7.44 -19.04
CA ARG C 258 -4.79 7.82 -18.00
C ARG C 258 -5.76 8.82 -18.58
N PRO C 259 -6.98 8.37 -18.88
CA PRO C 259 -8.05 9.18 -19.45
C PRO C 259 -8.20 10.58 -18.85
N SER C 260 -8.49 10.64 -17.55
CA SER C 260 -8.69 11.89 -16.83
C SER C 260 -7.81 13.05 -17.27
N ASP C 261 -6.50 12.82 -17.42
CA ASP C 261 -5.61 13.88 -17.85
C ASP C 261 -4.85 13.46 -19.12
N GLN C 262 -5.23 12.31 -19.68
CA GLN C 262 -4.61 11.78 -20.90
C GLN C 262 -3.10 11.61 -20.81
N GLU C 263 -2.56 11.47 -19.60
CA GLU C 263 -1.13 11.29 -19.48
C GLU C 263 -0.82 9.88 -19.92
N VAL C 264 0.33 9.70 -20.55
CA VAL C 264 0.64 8.39 -21.06
C VAL C 264 1.98 7.89 -20.56
N SER C 265 2.15 6.57 -20.59
CA SER C 265 3.39 5.93 -20.15
C SER C 265 4.26 5.84 -21.37
N GLU C 266 5.51 5.48 -21.18
CA GLU C 266 6.42 5.36 -22.30
C GLU C 266 5.88 4.15 -23.07
N PRO C 267 5.86 4.24 -24.42
CA PRO C 267 5.38 3.18 -25.32
C PRO C 267 6.17 1.89 -25.27
N MET C 268 5.64 0.87 -25.90
CA MET C 268 6.29 -0.43 -25.96
C MET C 268 5.83 -1.11 -27.25
N ASP C 269 6.75 -1.76 -27.95
CA ASP C 269 6.39 -2.42 -29.20
C ASP C 269 5.54 -3.67 -29.05
N PHE C 270 4.44 -3.71 -29.82
CA PHE C 270 3.59 -4.88 -29.84
C PHE C 270 3.44 -5.25 -31.31
N ARG C 271 3.93 -6.42 -31.69
CA ARG C 271 3.87 -6.87 -33.07
C ARG C 271 2.66 -7.74 -33.38
N TYR C 272 1.85 -7.29 -34.33
CA TYR C 272 0.68 -8.05 -34.76
C TYR C 272 1.15 -9.04 -35.81
N LEU C 273 0.60 -10.24 -35.80
CA LEU C 273 1.00 -11.26 -36.76
C LEU C 273 -0.12 -11.73 -37.69
N PRO C 274 0.24 -12.06 -38.94
CA PRO C 274 -0.77 -12.52 -39.89
C PRO C 274 -1.19 -13.93 -39.48
N ASP C 275 -2.49 -14.19 -39.56
CA ASP C 275 -3.05 -15.49 -39.19
C ASP C 275 -2.54 -16.59 -40.09
N PRO D 1 -13.77 -29.31 38.43
CA PRO D 1 -14.01 -29.11 36.98
C PRO D 1 -12.95 -28.22 36.33
N TYR D 2 -12.90 -28.22 35.00
CA TYR D 2 -11.96 -27.42 34.25
C TYR D 2 -12.63 -26.91 32.98
N ILE D 3 -11.85 -26.64 31.93
CA ILE D 3 -12.41 -26.14 30.69
C ILE D 3 -11.81 -26.71 29.42
N GLU D 4 -12.66 -27.24 28.56
CA GLU D 4 -12.19 -27.79 27.32
C GLU D 4 -12.77 -26.97 26.18
N ILE D 5 -11.93 -26.73 25.18
CA ILE D 5 -12.29 -25.96 24.00
C ILE D 5 -13.09 -26.83 23.02
N PHE D 6 -14.36 -26.51 22.83
CA PHE D 6 -15.20 -27.25 21.90
C PHE D 6 -14.85 -26.93 20.43
N GLU D 7 -14.32 -25.73 20.19
CA GLU D 7 -13.91 -25.35 18.84
C GLU D 7 -12.86 -24.25 18.84
N GLN D 8 -11.70 -24.56 18.29
CA GLN D 8 -10.60 -23.62 18.20
C GLN D 8 -10.87 -22.52 17.14
N PRO D 9 -10.35 -21.31 17.38
CA PRO D 9 -10.53 -20.18 16.47
C PRO D 9 -9.66 -20.34 15.24
N ARG D 10 -10.19 -19.96 14.08
CA ARG D 10 -9.41 -20.08 12.86
C ARG D 10 -8.12 -19.28 13.06
N GLN D 11 -7.01 -19.76 12.54
CA GLN D 11 -5.74 -19.10 12.73
C GLN D 11 -5.33 -18.10 11.65
N ARG D 12 -5.83 -18.27 10.43
CA ARG D 12 -5.47 -17.36 9.35
C ARG D 12 -6.66 -16.63 8.70
N GLY D 13 -6.37 -15.50 8.07
CA GLY D 13 -7.40 -14.76 7.37
C GLY D 13 -8.11 -13.61 8.04
N MET D 14 -7.71 -13.28 9.26
CA MET D 14 -8.36 -12.18 9.99
C MET D 14 -7.41 -11.03 10.26
N ARG D 15 -7.82 -9.82 9.91
CA ARG D 15 -6.99 -8.63 10.16
C ARG D 15 -7.22 -8.09 11.55
N PHE D 16 -6.15 -7.60 12.17
CA PHE D 16 -6.25 -7.02 13.50
C PHE D 16 -6.55 -5.60 13.14
N ARG D 17 -7.63 -5.04 13.66
CA ARG D 17 -7.97 -3.66 13.32
C ARG D 17 -7.41 -2.63 14.30
N TYR D 18 -7.14 -1.43 13.81
CA TYR D 18 -6.66 -0.41 14.71
C TYR D 18 -7.89 0.26 15.32
N LYS D 19 -7.69 1.05 16.35
CA LYS D 19 -8.79 1.76 16.98
C LYS D 19 -9.38 2.67 15.90
N CYS D 20 -8.51 3.40 15.21
CA CYS D 20 -8.93 4.33 14.17
C CYS D 20 -9.93 3.73 13.21
N GLU D 21 -10.03 2.41 13.22
CA GLU D 21 -10.94 1.73 12.31
C GLU D 21 -12.36 1.53 12.80
N GLY D 22 -12.65 1.93 14.03
CA GLY D 22 -14.01 1.80 14.50
C GLY D 22 -14.27 0.80 15.61
N ARG D 23 -15.55 0.73 15.98
CA ARG D 23 -15.96 -0.16 17.07
C ARG D 23 -15.88 -1.64 16.73
N SER D 24 -16.04 -1.99 15.45
CA SER D 24 -15.97 -3.39 15.08
C SER D 24 -14.59 -3.85 14.65
N ALA D 25 -13.97 -4.72 15.44
CA ALA D 25 -12.67 -5.29 15.08
C ALA D 25 -12.97 -6.65 14.44
N GLY D 26 -14.19 -6.83 13.96
CA GLY D 26 -14.58 -8.07 13.32
C GLY D 26 -15.05 -9.12 14.30
N SER D 27 -15.09 -10.38 13.85
CA SER D 27 -15.51 -11.50 14.70
C SER D 27 -14.74 -12.78 14.38
N ILE D 28 -13.86 -13.20 15.28
CA ILE D 28 -13.07 -14.41 15.09
C ILE D 28 -13.95 -15.64 14.88
N PRO D 29 -13.78 -16.36 13.75
CA PRO D 29 -14.59 -17.56 13.48
C PRO D 29 -13.83 -18.83 13.89
N GLY D 30 -14.55 -19.93 14.10
CA GLY D 30 -13.89 -21.17 14.47
C GLY D 30 -13.59 -22.01 13.25
N GLU D 31 -12.52 -22.80 13.32
CA GLU D 31 -12.10 -23.68 12.22
C GLU D 31 -13.24 -24.25 11.38
N HIS D 32 -14.10 -25.04 12.03
CA HIS D 32 -15.25 -25.69 11.39
C HIS D 32 -16.12 -24.70 10.61
N SER D 33 -16.14 -23.45 11.03
CA SER D 33 -16.98 -22.45 10.39
C SER D 33 -16.97 -22.49 8.88
N THR D 34 -18.08 -22.96 8.30
CA THR D 34 -18.20 -23.01 6.84
C THR D 34 -18.64 -21.62 6.41
N ASP D 35 -19.35 -21.52 5.29
CA ASP D 35 -19.80 -20.23 4.81
C ASP D 35 -21.31 -20.08 4.96
N ASN D 36 -22.02 -21.17 4.72
CA ASN D 36 -23.47 -21.18 4.84
C ASN D 36 -23.82 -21.64 6.25
N ASN D 37 -22.82 -22.24 6.91
CA ASN D 37 -22.97 -22.74 8.27
C ASN D 37 -21.72 -22.35 9.05
N LYS D 38 -21.56 -21.04 9.29
CA LYS D 38 -20.40 -20.51 10.01
C LYS D 38 -20.47 -20.74 11.51
N THR D 39 -19.30 -20.95 12.11
CA THR D 39 -19.21 -21.21 13.54
C THR D 39 -18.31 -20.21 14.29
N PHE D 40 -18.23 -20.35 15.61
CA PHE D 40 -17.43 -19.44 16.41
C PHE D 40 -16.64 -20.15 17.50
N PRO D 41 -15.56 -19.51 17.99
CA PRO D 41 -14.72 -20.07 19.06
C PRO D 41 -15.63 -20.42 20.21
N SER D 42 -15.58 -21.67 20.65
CA SER D 42 -16.46 -22.09 21.74
C SER D 42 -15.76 -23.04 22.69
N ILE D 43 -16.16 -23.01 23.95
CA ILE D 43 -15.58 -23.88 24.95
C ILE D 43 -16.68 -24.36 25.85
N GLN D 44 -16.40 -25.43 26.58
CA GLN D 44 -17.37 -26.03 27.48
C GLN D 44 -16.75 -26.36 28.82
N ILE D 45 -17.51 -26.15 29.90
CA ILE D 45 -17.03 -26.45 31.24
C ILE D 45 -17.36 -27.92 31.57
N LEU D 46 -16.35 -28.78 31.64
CA LEU D 46 -16.56 -30.19 31.96
C LEU D 46 -16.52 -30.33 33.47
N ASN D 47 -17.32 -31.27 34.01
CA ASN D 47 -17.38 -31.51 35.45
C ASN D 47 -18.12 -30.41 36.20
N TYR D 48 -19.18 -29.88 35.60
CA TYR D 48 -19.92 -28.81 36.28
C TYR D 48 -21.26 -28.43 35.67
N PHE D 49 -22.14 -27.95 36.54
CA PHE D 49 -23.48 -27.50 36.18
C PHE D 49 -23.84 -26.41 37.19
N GLY D 50 -24.11 -25.21 36.69
CA GLY D 50 -24.46 -24.10 37.58
C GLY D 50 -24.07 -22.75 37.03
N LYS D 51 -24.59 -21.68 37.63
CA LYS D 51 -24.28 -20.32 37.19
C LYS D 51 -22.80 -20.01 37.36
N VAL D 52 -22.27 -19.13 36.51
CA VAL D 52 -20.85 -18.76 36.60
C VAL D 52 -20.41 -17.61 35.70
N LYS D 53 -19.12 -17.29 35.76
CA LYS D 53 -18.51 -16.21 34.97
C LYS D 53 -17.27 -16.67 34.23
N ILE D 54 -17.05 -16.11 33.04
CA ILE D 54 -15.88 -16.45 32.21
C ILE D 54 -15.21 -15.18 31.73
N ARG D 55 -13.90 -15.22 31.55
CA ARG D 55 -13.16 -14.06 31.08
C ARG D 55 -12.15 -14.38 29.98
N THR D 56 -12.41 -13.92 28.77
CA THR D 56 -11.50 -14.15 27.65
C THR D 56 -10.53 -12.97 27.53
N THR D 57 -9.25 -13.27 27.58
CA THR D 57 -8.20 -12.26 27.46
C THR D 57 -7.16 -12.71 26.43
N LEU D 58 -6.39 -11.77 25.90
CA LEU D 58 -5.38 -12.10 24.89
C LEU D 58 -4.00 -12.25 25.53
N VAL D 59 -3.30 -13.31 25.13
CA VAL D 59 -1.97 -13.55 25.64
C VAL D 59 -1.02 -13.83 24.48
N THR D 60 0.26 -13.89 24.83
CA THR D 60 1.33 -14.14 23.85
C THR D 60 1.38 -15.58 23.31
N LYS D 61 2.25 -15.79 22.33
CA LYS D 61 2.46 -17.09 21.70
C LYS D 61 3.67 -17.77 22.35
N ASN D 62 4.37 -17.01 23.20
CA ASN D 62 5.57 -17.47 23.91
C ASN D 62 5.20 -18.45 25.02
N GLU D 63 6.02 -19.50 25.19
CA GLU D 63 5.75 -20.53 26.22
C GLU D 63 5.17 -19.88 27.47
N PRO D 64 5.89 -18.91 28.07
CA PRO D 64 5.31 -18.30 29.27
C PRO D 64 4.33 -17.20 28.82
N TYR D 65 3.04 -17.57 28.77
CA TYR D 65 1.97 -16.68 28.35
C TYR D 65 1.73 -15.45 29.19
N LYS D 66 2.10 -14.29 28.67
CA LYS D 66 1.88 -13.04 29.39
C LYS D 66 0.85 -12.21 28.63
N PRO D 67 0.09 -11.35 29.36
CA PRO D 67 -0.92 -10.53 28.71
C PRO D 67 -0.35 -9.82 27.49
N HIS D 68 -1.19 -9.69 26.47
CA HIS D 68 -0.80 -9.05 25.22
C HIS D 68 -1.34 -7.61 25.20
N PRO D 69 -0.64 -6.70 24.51
CA PRO D 69 -1.04 -5.29 24.40
C PRO D 69 -2.36 -5.06 23.68
N HIS D 70 -2.58 -5.80 22.59
CA HIS D 70 -3.80 -5.68 21.82
C HIS D 70 -5.07 -5.85 22.68
N ASP D 71 -6.14 -5.21 22.26
CA ASP D 71 -7.41 -5.33 22.96
C ASP D 71 -8.35 -6.28 22.23
N LEU D 72 -9.29 -6.81 22.99
CA LEU D 72 -10.30 -7.67 22.44
C LEU D 72 -11.45 -6.70 22.49
N VAL D 73 -12.07 -6.42 21.35
CA VAL D 73 -13.19 -5.50 21.35
C VAL D 73 -14.45 -6.22 20.82
N GLY D 74 -15.61 -5.71 21.21
CA GLY D 74 -16.86 -6.33 20.78
C GLY D 74 -17.78 -6.56 21.94
N LYS D 75 -18.99 -7.04 21.65
CA LYS D 75 -19.99 -7.32 22.67
C LYS D 75 -19.36 -7.85 23.94
N ASP D 76 -19.57 -7.10 25.01
CA ASP D 76 -19.10 -7.40 26.35
C ASP D 76 -17.60 -7.37 26.51
N CYS D 77 -16.94 -6.54 25.73
CA CYS D 77 -15.50 -6.42 25.86
C CYS D 77 -15.21 -5.04 26.43
N ARG D 78 -14.19 -4.95 27.29
CA ARG D 78 -13.86 -3.65 27.86
C ARG D 78 -12.50 -3.67 28.45
N ASP D 79 -11.76 -2.59 28.25
CA ASP D 79 -10.42 -2.51 28.76
C ASP D 79 -9.63 -3.65 28.14
N GLY D 80 -9.97 -3.98 26.90
CA GLY D 80 -9.25 -5.02 26.18
C GLY D 80 -9.57 -6.48 26.44
N TYR D 81 -10.56 -6.76 27.27
CA TYR D 81 -10.91 -8.15 27.51
C TYR D 81 -12.41 -8.36 27.62
N TYR D 82 -12.83 -9.59 27.35
CA TYR D 82 -14.22 -9.99 27.37
C TYR D 82 -14.54 -10.68 28.68
N GLU D 83 -15.66 -10.32 29.29
CA GLU D 83 -16.09 -10.97 30.53
C GLU D 83 -17.60 -11.11 30.51
N ALA D 84 -18.09 -12.25 30.96
CA ALA D 84 -19.52 -12.51 30.97
C ALA D 84 -19.93 -13.62 31.91
N GLU D 85 -21.20 -13.60 32.30
CA GLU D 85 -21.76 -14.61 33.17
C GLU D 85 -22.41 -15.69 32.33
N PHE D 86 -22.84 -16.76 33.00
CA PHE D 86 -23.48 -17.86 32.29
C PHE D 86 -24.12 -18.84 33.25
N GLY D 87 -25.46 -18.86 33.25
CA GLY D 87 -26.18 -19.77 34.13
C GLY D 87 -25.83 -21.21 33.83
N PRO D 88 -26.36 -22.17 34.62
CA PRO D 88 -26.09 -23.60 34.45
C PRO D 88 -26.55 -24.13 33.09
N GLU D 89 -27.32 -23.32 32.39
CA GLU D 89 -27.88 -23.65 31.08
C GLU D 89 -26.98 -24.42 30.11
N ARG D 90 -27.19 -24.20 28.81
CA ARG D 90 -26.43 -24.87 27.75
C ARG D 90 -24.95 -25.07 28.02
N ARG D 91 -24.53 -26.32 27.85
CA ARG D 91 -23.15 -26.76 28.04
C ARG D 91 -22.17 -25.90 27.25
N VAL D 92 -22.30 -25.96 25.92
CA VAL D 92 -21.43 -25.24 25.00
C VAL D 92 -21.51 -23.71 25.12
N LEU D 93 -20.35 -23.07 25.05
CA LEU D 93 -20.28 -21.61 25.12
C LEU D 93 -19.60 -21.07 23.89
N SER D 94 -20.38 -20.48 23.00
CA SER D 94 -19.82 -19.91 21.80
C SER D 94 -19.66 -18.42 22.03
N PHE D 95 -18.66 -17.84 21.39
CA PHE D 95 -18.39 -16.42 21.51
C PHE D 95 -18.32 -15.86 20.12
N GLN D 96 -19.39 -15.22 19.68
CA GLN D 96 -19.39 -14.67 18.33
C GLN D 96 -18.54 -13.41 18.20
N ASN D 97 -19.14 -12.28 18.54
CA ASN D 97 -18.50 -10.99 18.47
C ASN D 97 -17.22 -10.87 19.32
N LEU D 98 -16.11 -11.29 18.72
CA LEU D 98 -14.80 -11.25 19.36
C LEU D 98 -13.80 -10.72 18.33
N GLY D 99 -13.48 -9.45 18.43
CA GLY D 99 -12.53 -8.89 17.48
C GLY D 99 -11.21 -8.56 18.15
N ILE D 100 -10.20 -8.27 17.35
CA ILE D 100 -8.91 -7.93 17.93
C ILE D 100 -8.48 -6.55 17.50
N GLN D 101 -8.42 -5.61 18.44
CA GLN D 101 -7.96 -4.26 18.14
C GLN D 101 -6.48 -4.24 18.45
N CYS D 102 -5.65 -3.89 17.47
CA CYS D 102 -4.22 -3.83 17.66
C CYS D 102 -3.76 -2.42 17.97
N VAL D 103 -2.77 -2.31 18.85
CA VAL D 103 -2.24 -1.01 19.23
C VAL D 103 -1.08 -0.62 18.32
N LYS D 104 -0.87 0.69 18.16
CA LYS D 104 0.22 1.17 17.33
C LYS D 104 1.49 0.78 18.08
N LYS D 105 2.60 0.59 17.38
CA LYS D 105 3.83 0.20 18.06
C LYS D 105 4.20 1.16 19.20
N LYS D 106 3.84 2.42 19.06
CA LYS D 106 4.11 3.40 20.10
C LYS D 106 3.36 3.02 21.38
N ASP D 107 2.06 2.74 21.24
CA ASP D 107 1.22 2.38 22.37
C ASP D 107 1.69 1.12 23.12
N LEU D 108 2.51 0.30 22.46
CA LEU D 108 2.98 -0.96 23.05
C LEU D 108 3.39 -0.92 24.52
N LYS D 109 4.29 -0.01 24.89
CA LYS D 109 4.73 0.07 26.28
C LYS D 109 3.57 0.48 27.14
N GLU D 110 3.20 1.75 27.03
CA GLU D 110 2.10 2.30 27.80
C GLU D 110 1.00 1.26 28.01
N SER D 111 0.74 0.50 26.95
CA SER D 111 -0.29 -0.53 26.95
C SER D 111 -0.11 -1.63 27.98
N ILE D 112 1.08 -2.17 28.08
CA ILE D 112 1.33 -3.25 29.03
C ILE D 112 1.34 -2.80 30.48
N SER D 113 1.77 -1.57 30.73
CA SER D 113 1.78 -1.07 32.10
C SER D 113 0.38 -1.13 32.69
N LEU D 114 -0.62 -0.81 31.87
CA LEU D 114 -2.01 -0.84 32.32
C LEU D 114 -2.57 -2.24 32.51
N ARG D 115 -1.97 -3.24 31.86
CA ARG D 115 -2.42 -4.62 32.04
C ARG D 115 -1.95 -5.06 33.41
N ILE D 116 -0.86 -4.47 33.87
CA ILE D 116 -0.31 -4.75 35.18
C ILE D 116 -1.17 -4.00 36.20
N SER D 117 -1.29 -2.70 36.00
CA SER D 117 -2.09 -1.85 36.87
C SER D 117 -3.56 -2.13 36.58
N LYS D 118 -3.91 -3.41 36.51
CA LYS D 118 -5.29 -3.82 36.24
C LYS D 118 -5.53 -5.20 36.80
N LYS D 119 -4.45 -5.96 36.96
CA LYS D 119 -4.51 -7.33 37.50
C LYS D 119 -4.57 -8.39 36.40
N ILE D 120 -4.74 -7.94 35.15
CA ILE D 120 -4.81 -8.88 34.05
C ILE D 120 -3.51 -9.64 33.93
N ASN D 121 -3.48 -10.83 34.51
CA ASN D 121 -2.30 -11.69 34.47
C ASN D 121 -2.73 -13.11 34.80
N PRO D 122 -3.53 -13.72 33.92
CA PRO D 122 -4.02 -15.09 34.12
C PRO D 122 -2.98 -16.17 34.43
N PHE D 123 -1.70 -15.85 34.25
CA PHE D 123 -0.66 -16.83 34.52
C PHE D 123 0.38 -16.39 35.56
N ASN D 124 0.08 -15.34 36.29
CA ASN D 124 0.99 -14.84 37.32
C ASN D 124 2.44 -14.90 36.83
N VAL D 125 2.70 -14.26 35.69
CA VAL D 125 4.04 -14.23 35.13
C VAL D 125 4.82 -13.10 35.82
N PRO D 126 6.05 -13.38 36.28
CA PRO D 126 6.91 -12.39 36.95
C PRO D 126 6.86 -10.98 36.37
N GLU D 127 7.17 -10.00 37.22
CA GLU D 127 7.16 -8.59 36.83
C GLU D 127 8.07 -8.26 35.65
N GLU D 128 9.33 -7.89 35.93
CA GLU D 128 10.30 -7.52 34.89
C GLU D 128 10.33 -8.44 33.65
N GLN D 129 9.73 -9.61 33.77
CA GLN D 129 9.67 -10.57 32.68
C GLN D 129 8.53 -10.16 31.73
N LEU D 130 7.44 -9.71 32.35
CA LEU D 130 6.26 -9.25 31.65
C LEU D 130 6.53 -7.89 30.98
N HIS D 131 7.79 -7.47 30.98
CA HIS D 131 8.16 -6.19 30.37
C HIS D 131 9.06 -6.42 29.17
N ASN D 132 9.04 -7.64 28.65
CA ASN D 132 9.85 -7.98 27.48
C ASN D 132 9.29 -7.37 26.19
N ILE D 133 9.10 -6.05 26.22
CA ILE D 133 8.56 -5.31 25.09
C ILE D 133 9.18 -5.73 23.75
N ASP D 134 10.51 -5.66 23.67
CA ASP D 134 11.24 -5.99 22.46
C ASP D 134 11.41 -7.51 22.25
N GLU D 135 10.29 -8.22 22.20
CA GLU D 135 10.27 -9.66 22.01
C GLU D 135 8.82 -10.13 21.79
N TYR D 136 7.88 -9.19 21.88
CA TYR D 136 6.46 -9.50 21.69
C TYR D 136 6.03 -9.34 20.24
N ASP D 137 5.41 -10.39 19.70
CA ASP D 137 4.95 -10.34 18.33
C ASP D 137 3.55 -9.74 18.28
N LEU D 138 3.43 -8.55 17.69
CA LEU D 138 2.16 -7.87 17.59
C LEU D 138 1.33 -8.42 16.44
N ASN D 139 1.79 -9.52 15.84
CA ASN D 139 1.09 -10.09 14.71
C ASN D 139 0.42 -11.41 15.05
N VAL D 140 0.57 -11.84 16.30
CA VAL D 140 -0.05 -13.06 16.74
C VAL D 140 -0.37 -13.04 18.25
N VAL D 141 -1.58 -13.49 18.59
CA VAL D 141 -2.01 -13.54 19.98
C VAL D 141 -2.66 -14.88 20.22
N ARG D 142 -3.07 -15.11 21.46
CA ARG D 142 -3.74 -16.34 21.86
C ARG D 142 -4.90 -15.95 22.78
N LEU D 143 -6.01 -16.68 22.71
CA LEU D 143 -7.12 -16.39 23.59
C LEU D 143 -6.92 -17.15 24.87
N CYS D 144 -7.10 -16.47 25.99
CA CYS D 144 -6.94 -17.10 27.28
C CYS D 144 -8.28 -17.13 27.98
N PHE D 145 -8.93 -18.30 28.01
CA PHE D 145 -10.22 -18.46 28.67
C PHE D 145 -9.97 -18.67 30.15
N GLN D 146 -10.74 -17.98 30.98
CA GLN D 146 -10.55 -18.08 32.41
C GLN D 146 -11.93 -18.11 33.07
N ALA D 147 -12.43 -19.32 33.33
CA ALA D 147 -13.74 -19.45 33.94
C ALA D 147 -13.62 -19.41 35.47
N PHE D 148 -14.48 -18.64 36.13
CA PHE D 148 -14.49 -18.53 37.60
C PHE D 148 -15.80 -19.05 38.14
N LEU D 149 -15.75 -20.04 39.02
CA LEU D 149 -16.97 -20.60 39.59
C LEU D 149 -17.41 -19.92 40.88
N PRO D 150 -18.65 -20.17 41.33
CA PRO D 150 -19.24 -19.60 42.55
C PRO D 150 -18.52 -20.01 43.83
N ASP D 151 -18.33 -19.05 44.73
CA ASP D 151 -17.65 -19.33 46.00
C ASP D 151 -18.65 -19.73 47.08
N GLU D 152 -18.12 -20.05 48.27
CA GLU D 152 -18.93 -20.45 49.43
C GLU D 152 -20.06 -19.45 49.68
N HIS D 153 -21.16 -19.61 48.95
CA HIS D 153 -22.30 -18.71 49.07
C HIS D 153 -21.80 -17.28 48.82
N GLY D 154 -21.97 -16.82 47.58
CA GLY D 154 -21.54 -15.48 47.22
C GLY D 154 -21.40 -15.32 45.71
N ASN D 155 -20.31 -14.70 45.28
CA ASN D 155 -20.08 -14.49 43.85
C ASN D 155 -19.16 -15.54 43.23
N TYR D 156 -18.29 -15.10 42.30
CA TYR D 156 -17.38 -16.03 41.64
C TYR D 156 -15.91 -15.76 41.94
N THR D 157 -15.29 -16.68 42.67
CA THR D 157 -13.88 -16.55 43.04
C THR D 157 -13.12 -17.83 42.73
N LEU D 158 -13.80 -18.97 42.85
CA LEU D 158 -13.17 -20.24 42.57
C LEU D 158 -12.77 -20.27 41.09
N ALA D 159 -11.55 -19.82 40.82
CA ALA D 159 -11.03 -19.75 39.45
C ALA D 159 -10.47 -21.07 38.95
N LEU D 160 -10.94 -21.51 37.79
CA LEU D 160 -10.44 -22.74 37.20
C LEU D 160 -9.20 -22.41 36.42
N PRO D 161 -8.38 -23.43 36.09
CA PRO D 161 -7.14 -23.27 35.32
C PRO D 161 -7.33 -22.49 34.03
N PRO D 162 -6.43 -21.53 33.77
CA PRO D 162 -6.49 -20.72 32.56
C PRO D 162 -6.18 -21.56 31.31
N LEU D 163 -7.15 -21.71 30.42
CA LEU D 163 -6.92 -22.47 29.20
C LEU D 163 -6.52 -21.49 28.11
N ILE D 164 -5.69 -21.94 27.17
CA ILE D 164 -5.25 -21.06 26.10
C ILE D 164 -5.51 -21.65 24.71
N SER D 165 -6.09 -20.85 23.82
CA SER D 165 -6.42 -21.33 22.49
C SER D 165 -5.25 -21.31 21.52
N ASN D 166 -5.47 -21.84 20.32
CA ASN D 166 -4.46 -21.86 19.27
C ASN D 166 -4.18 -20.42 18.88
N PRO D 167 -3.06 -20.19 18.18
CA PRO D 167 -2.71 -18.83 17.77
C PRO D 167 -3.66 -18.23 16.72
N ILE D 168 -3.65 -16.90 16.64
CA ILE D 168 -4.49 -16.15 15.70
C ILE D 168 -3.56 -15.14 15.06
N TYR D 169 -3.23 -15.35 13.78
CA TYR D 169 -2.30 -14.47 13.10
C TYR D 169 -2.84 -13.26 12.37
N ASP D 170 -2.29 -12.10 12.75
CA ASP D 170 -2.66 -10.80 12.20
C ASP D 170 -2.46 -10.78 10.71
N ASN D 171 -3.54 -10.93 9.97
CA ASN D 171 -3.46 -10.95 8.51
C ASN D 171 -2.95 -9.61 7.95
N ARG D 172 -2.74 -8.63 8.79
CA ARG D 172 -2.23 -7.36 8.30
C ARG D 172 -0.80 -7.57 7.85
N ALA D 173 -0.10 -8.46 8.55
CA ALA D 173 1.30 -8.78 8.26
C ALA D 173 1.37 -9.89 7.21
N PRO D 174 2.39 -9.83 6.33
CA PRO D 174 2.64 -10.79 5.25
C PRO D 174 3.16 -12.15 5.66
N ASN D 175 3.92 -12.19 6.75
CA ASN D 175 4.51 -13.44 7.23
C ASN D 175 3.58 -14.25 8.12
N THR D 176 2.48 -13.60 8.52
CA THR D 176 1.46 -14.20 9.37
C THR D 176 0.18 -14.25 8.54
N ALA D 177 0.29 -13.82 7.29
CA ALA D 177 -0.85 -13.79 6.38
C ALA D 177 -1.17 -15.14 5.76
N GLU D 178 -2.38 -15.23 5.23
CA GLU D 178 -2.87 -16.42 4.57
C GLU D 178 -2.32 -16.31 3.13
N LEU D 179 -1.88 -17.42 2.55
CA LEU D 179 -1.34 -17.41 1.19
C LEU D 179 -2.47 -17.61 0.22
N ARG D 180 -2.54 -16.88 -0.87
CA ARG D 180 -3.65 -17.00 -1.81
C ARG D 180 -3.25 -16.63 -3.24
N ILE D 181 -3.33 -17.55 -4.16
CA ILE D 181 -3.08 -17.37 -5.58
C ILE D 181 -4.34 -16.76 -6.17
N CYS D 182 -4.29 -15.50 -6.58
CA CYS D 182 -5.49 -14.89 -7.13
C CYS D 182 -5.72 -15.30 -8.59
N ARG D 183 -4.70 -15.20 -9.43
CA ARG D 183 -4.86 -15.57 -10.82
C ARG D 183 -3.54 -15.94 -11.49
N VAL D 184 -3.64 -16.78 -12.51
CA VAL D 184 -2.49 -17.26 -13.29
C VAL D 184 -2.83 -17.10 -14.77
N ASN D 185 -1.81 -17.02 -15.62
CA ASN D 185 -2.03 -16.84 -17.05
C ASN D 185 -2.08 -18.12 -17.87
N LYS D 186 -1.57 -19.21 -17.27
CA LYS D 186 -1.53 -20.52 -17.92
C LYS D 186 -1.65 -21.62 -16.84
N ASN D 187 -2.55 -22.57 -17.04
CA ASN D 187 -2.71 -23.64 -16.05
C ASN D 187 -2.00 -24.92 -16.48
N CYS D 188 -1.23 -24.84 -17.55
CA CYS D 188 -0.54 -26.01 -18.07
C CYS D 188 0.70 -25.68 -18.89
N GLY D 189 1.61 -26.64 -18.98
CA GLY D 189 2.82 -26.43 -19.75
C GLY D 189 3.46 -27.73 -20.16
N SER D 190 4.61 -27.65 -20.81
CA SER D 190 5.32 -28.84 -21.25
C SER D 190 5.99 -29.51 -20.07
N VAL D 191 6.15 -30.83 -20.18
CA VAL D 191 6.80 -31.58 -19.13
C VAL D 191 8.29 -31.26 -19.12
N LYS D 192 8.78 -30.72 -20.22
CA LYS D 192 10.18 -30.32 -20.30
C LYS D 192 10.35 -29.23 -19.26
N GLY D 193 9.27 -28.49 -19.01
CA GLY D 193 9.29 -27.42 -18.02
C GLY D 193 10.24 -26.30 -18.37
N GLY D 194 9.69 -25.09 -18.47
CA GLY D 194 10.47 -23.91 -18.80
C GLY D 194 9.54 -22.78 -19.17
N ASP D 195 8.24 -23.06 -19.06
CA ASP D 195 7.17 -22.12 -19.37
C ASP D 195 7.10 -20.97 -18.39
N GLU D 196 7.07 -19.75 -18.90
CA GLU D 196 7.00 -18.57 -18.04
C GLU D 196 5.59 -18.22 -17.64
N ILE D 197 5.36 -18.25 -16.33
CA ILE D 197 4.07 -17.96 -15.73
C ILE D 197 3.99 -16.67 -14.91
N PHE D 198 2.83 -16.02 -14.99
CA PHE D 198 2.57 -14.80 -14.23
C PHE D 198 1.53 -15.14 -13.18
N ILE D 199 1.90 -15.06 -11.90
CA ILE D 199 0.95 -15.34 -10.84
C ILE D 199 0.59 -14.06 -10.14
N LEU D 200 -0.71 -13.81 -10.04
CA LEU D 200 -1.18 -12.64 -9.33
C LEU D 200 -1.56 -13.24 -8.00
N CYS D 201 -1.20 -12.57 -6.91
CA CYS D 201 -1.51 -13.14 -5.60
C CYS D 201 -1.62 -12.10 -4.53
N ASP D 202 -1.95 -12.57 -3.33
CA ASP D 202 -2.06 -11.72 -2.16
C ASP D 202 -0.65 -11.39 -1.75
N LYS D 203 -0.49 -10.23 -1.13
CA LYS D 203 0.79 -9.73 -0.67
C LYS D 203 1.63 -10.85 -0.04
N VAL D 204 2.84 -11.02 -0.54
CA VAL D 204 3.77 -12.01 -0.02
C VAL D 204 5.07 -11.25 0.22
N GLN D 205 6.11 -11.99 0.60
CA GLN D 205 7.42 -11.39 0.84
C GLN D 205 8.46 -12.09 -0.04
N LYS D 206 8.95 -11.37 -1.05
CA LYS D 206 9.90 -11.96 -2.00
C LYS D 206 11.01 -12.70 -1.29
N ASP D 207 11.30 -12.21 -0.10
CA ASP D 207 12.31 -12.73 0.80
C ASP D 207 11.97 -14.16 1.23
N ASP D 208 10.70 -14.37 1.59
CA ASP D 208 10.20 -15.64 2.09
C ASP D 208 9.00 -16.20 1.35
N ILE D 209 9.21 -16.66 0.12
CA ILE D 209 8.11 -17.23 -0.68
C ILE D 209 8.62 -18.12 -1.80
N GLU D 210 7.81 -19.07 -2.21
CA GLU D 210 8.20 -19.97 -3.27
C GLU D 210 6.99 -20.70 -3.81
N VAL D 211 6.97 -20.89 -5.12
CA VAL D 211 5.86 -21.59 -5.74
C VAL D 211 6.33 -23.03 -5.80
N ARG D 212 5.47 -23.95 -5.34
CA ARG D 212 5.81 -25.37 -5.32
C ARG D 212 4.84 -26.25 -6.10
N PHE D 213 5.38 -27.03 -7.03
CA PHE D 213 4.59 -27.98 -7.81
C PHE D 213 4.77 -29.27 -7.06
N VAL D 214 3.72 -30.10 -7.00
CA VAL D 214 3.79 -31.35 -6.26
C VAL D 214 2.78 -32.40 -6.70
N LEU D 215 3.16 -33.66 -6.52
CA LEU D 215 2.31 -34.79 -6.85
C LEU D 215 2.93 -36.06 -6.29
N ASP D 216 2.26 -36.66 -5.31
CA ASP D 216 2.76 -37.87 -4.66
C ASP D 216 4.10 -37.60 -4.00
N ASN D 217 5.10 -38.38 -4.36
CA ASN D 217 6.44 -38.23 -3.79
C ASN D 217 7.25 -37.15 -4.51
N TRP D 218 6.72 -36.68 -5.64
CA TRP D 218 7.39 -35.65 -6.44
C TRP D 218 7.03 -34.23 -6.02
N GLU D 219 8.01 -33.34 -6.09
CA GLU D 219 7.82 -31.94 -5.76
C GLU D 219 9.00 -31.13 -6.29
N ALA D 220 8.70 -30.00 -6.92
CA ALA D 220 9.72 -29.14 -7.47
C ALA D 220 9.31 -27.68 -7.27
N LYS D 221 10.28 -26.78 -7.26
CA LYS D 221 9.97 -25.38 -7.06
C LYS D 221 9.86 -24.64 -8.39
N GLY D 222 9.04 -23.59 -8.39
CA GLY D 222 8.90 -22.79 -9.58
C GLY D 222 10.26 -22.11 -9.62
N SER D 223 10.68 -21.66 -10.78
CA SER D 223 11.99 -21.06 -10.88
C SER D 223 11.94 -19.55 -11.05
N PHE D 224 12.50 -18.81 -10.10
CA PHE D 224 12.47 -17.36 -10.20
C PHE D 224 13.26 -16.80 -9.04
N SER D 225 13.81 -15.60 -9.21
CA SER D 225 14.54 -14.95 -8.13
C SER D 225 13.59 -13.95 -7.49
N GLN D 226 14.12 -13.06 -6.65
CA GLN D 226 13.31 -12.06 -5.97
C GLN D 226 12.83 -10.93 -6.89
N ALA D 227 13.70 -10.48 -7.78
CA ALA D 227 13.33 -9.41 -8.70
C ALA D 227 12.08 -9.77 -9.51
N ASP D 228 11.73 -11.05 -9.52
CA ASP D 228 10.56 -11.48 -10.26
C ASP D 228 9.24 -11.30 -9.52
N VAL D 229 9.32 -10.86 -8.26
CA VAL D 229 8.15 -10.61 -7.42
C VAL D 229 7.76 -9.15 -7.62
N HIS D 230 6.62 -8.89 -8.25
CA HIS D 230 6.17 -7.52 -8.51
C HIS D 230 5.33 -6.94 -7.36
N ARG D 231 5.85 -5.86 -6.77
CA ARG D 231 5.20 -5.16 -5.66
C ARG D 231 4.47 -6.11 -4.71
N GLN D 232 5.17 -7.17 -4.33
CA GLN D 232 4.64 -8.16 -3.41
C GLN D 232 3.37 -8.86 -3.81
N VAL D 233 2.76 -8.48 -4.93
CA VAL D 233 1.51 -9.14 -5.31
C VAL D 233 1.50 -9.88 -6.63
N ALA D 234 2.67 -10.16 -7.17
CA ALA D 234 2.73 -10.86 -8.43
C ALA D 234 4.09 -11.52 -8.60
N ILE D 235 4.08 -12.74 -9.10
CA ILE D 235 5.31 -13.51 -9.33
C ILE D 235 5.46 -13.97 -10.78
N VAL D 236 6.57 -13.66 -11.42
CA VAL D 236 6.81 -14.14 -12.78
C VAL D 236 7.91 -15.20 -12.64
N PHE D 237 7.58 -16.45 -12.94
CA PHE D 237 8.50 -17.55 -12.80
C PHE D 237 8.35 -18.59 -13.91
N ARG D 238 9.22 -19.59 -13.91
CA ARG D 238 9.15 -20.63 -14.93
C ARG D 238 8.97 -22.02 -14.34
N THR D 239 8.07 -22.79 -14.97
CA THR D 239 7.76 -24.13 -14.48
C THR D 239 8.95 -25.06 -14.52
N PRO D 240 9.07 -25.91 -13.48
CA PRO D 240 10.17 -26.88 -13.37
C PRO D 240 9.78 -28.13 -14.18
N PRO D 241 10.78 -28.88 -14.68
CA PRO D 241 10.45 -30.08 -15.44
C PRO D 241 9.84 -31.13 -14.52
N PHE D 242 9.06 -32.03 -15.09
CA PHE D 242 8.44 -33.10 -14.32
C PHE D 242 9.39 -34.29 -14.36
N LEU D 243 9.40 -35.10 -13.30
CA LEU D 243 10.28 -36.25 -13.28
C LEU D 243 9.88 -37.26 -14.35
N ARG D 244 10.81 -37.53 -15.27
CA ARG D 244 10.62 -38.45 -16.39
C ARG D 244 9.86 -37.74 -17.50
N ASP D 245 9.28 -38.52 -18.41
CA ASP D 245 8.49 -37.97 -19.49
C ASP D 245 7.10 -38.57 -19.26
N ILE D 246 6.12 -38.20 -20.07
CA ILE D 246 4.78 -38.73 -19.90
C ILE D 246 4.09 -38.96 -21.23
N THR D 247 3.22 -39.96 -21.24
CA THR D 247 2.47 -40.32 -22.44
C THR D 247 1.29 -39.40 -22.69
N GLU D 248 0.58 -39.05 -21.62
CA GLU D 248 -0.60 -38.20 -21.73
C GLU D 248 -0.57 -37.05 -20.73
N PRO D 249 -1.58 -36.16 -20.79
CA PRO D 249 -1.65 -35.02 -19.87
C PRO D 249 -1.72 -35.49 -18.42
N ILE D 250 -0.76 -35.02 -17.63
CA ILE D 250 -0.69 -35.37 -16.21
C ILE D 250 -0.76 -34.12 -15.32
N THR D 251 -1.89 -33.93 -14.65
CA THR D 251 -2.06 -32.75 -13.81
C THR D 251 -1.48 -32.92 -12.41
N VAL D 252 -0.76 -31.91 -11.96
CA VAL D 252 -0.15 -31.92 -10.63
C VAL D 252 -0.72 -30.73 -9.86
N LYS D 253 -0.34 -30.61 -8.59
CA LYS D 253 -0.82 -29.52 -7.74
C LYS D 253 0.20 -28.41 -7.60
N MET D 254 -0.24 -27.19 -7.88
CA MET D 254 0.63 -26.01 -7.80
C MET D 254 0.19 -25.16 -6.62
N GLN D 255 1.14 -24.60 -5.88
CA GLN D 255 0.78 -23.79 -4.71
C GLN D 255 1.87 -22.89 -4.15
N LEU D 256 1.46 -21.75 -3.59
CA LEU D 256 2.40 -20.82 -3.00
C LEU D 256 2.76 -21.45 -1.68
N ARG D 257 4.00 -21.26 -1.24
CA ARG D 257 4.45 -21.80 0.02
C ARG D 257 5.42 -20.81 0.67
N ARG D 258 5.39 -20.75 1.99
CA ARG D 258 6.26 -19.85 2.69
C ARG D 258 7.23 -20.67 3.51
N PRO D 259 8.46 -20.80 3.02
CA PRO D 259 9.54 -21.56 3.67
C PRO D 259 9.62 -21.40 5.18
N SER D 260 9.84 -20.17 5.65
CA SER D 260 9.98 -19.88 7.07
C SER D 260 9.07 -20.69 8.00
N ASP D 261 7.82 -20.93 7.60
CA ASP D 261 6.90 -21.67 8.46
C ASP D 261 6.20 -22.80 7.74
N GLN D 262 6.57 -22.99 6.48
CA GLN D 262 6.00 -24.04 5.63
C GLN D 262 4.50 -23.97 5.54
N GLU D 263 3.95 -22.77 5.67
CA GLU D 263 2.53 -22.61 5.55
C GLU D 263 2.34 -22.63 4.03
N VAL D 264 1.17 -23.05 3.55
CA VAL D 264 0.95 -23.12 2.12
C VAL D 264 -0.40 -22.53 1.72
N SER D 265 -0.52 -22.17 0.46
CA SER D 265 -1.76 -21.60 -0.04
C SER D 265 -2.59 -22.77 -0.53
N GLU D 266 -3.83 -22.50 -0.87
CA GLU D 266 -4.67 -23.56 -1.38
C GLU D 266 -4.07 -23.94 -2.75
N PRO D 267 -4.01 -25.24 -3.06
CA PRO D 267 -3.45 -25.75 -4.32
C PRO D 267 -4.22 -25.35 -5.57
N MET D 268 -3.63 -25.61 -6.73
CA MET D 268 -4.25 -25.29 -8.00
C MET D 268 -3.71 -26.31 -9.02
N ASP D 269 -4.57 -26.80 -9.90
CA ASP D 269 -4.15 -27.78 -10.89
C ASP D 269 -3.26 -27.23 -11.99
N PHE D 270 -2.16 -27.92 -12.23
CA PHE D 270 -1.26 -27.54 -13.32
C PHE D 270 -1.04 -28.82 -14.11
N ARG D 271 -1.50 -28.83 -15.35
CA ARG D 271 -1.35 -30.01 -16.19
C ARG D 271 -0.11 -30.01 -17.06
N TYR D 272 0.74 -31.02 -16.89
CA TYR D 272 1.95 -31.16 -17.70
C TYR D 272 1.55 -31.87 -18.99
N LEU D 273 2.14 -31.47 -20.10
CA LEU D 273 1.80 -32.09 -21.37
C LEU D 273 2.97 -32.80 -22.05
N PRO D 274 2.69 -33.90 -22.77
CA PRO D 274 3.74 -34.63 -23.46
C PRO D 274 4.17 -33.80 -24.66
N ASP D 275 5.48 -33.73 -24.87
CA ASP D 275 6.05 -32.98 -25.98
C ASP D 275 5.62 -33.52 -27.34
#